data_6MV5
#
_entry.id   6MV5
#
_cell.length_a   70.449
_cell.length_b   100.420
_cell.length_c   86.590
_cell.angle_alpha   90.00
_cell.angle_beta   90.00
_cell.angle_gamma   90.00
#
_symmetry.space_group_name_H-M   'P 21 21 2'
#
loop_
_entity.id
_entity.type
_entity.pdbx_description
1 polymer 'Anti-PCSK9 fab 6E2 heavy chain'
2 polymer 'Anti-PCSK9 fab 6E2 light chain'
3 polymer 'Proprotein convertase subtilisin/kexin type 9'
4 non-polymer 'ZINC ION'
5 non-polymer 'CHLORIDE ION'
6 non-polymer 'SULFATE ION'
7 water water
#
loop_
_entity_poly.entity_id
_entity_poly.type
_entity_poly.pdbx_seq_one_letter_code
_entity_poly.pdbx_strand_id
1 'polypeptide(L)'
;EVKLEESGGGLVQPGGSMKLSCVASRFTLSKYWMNWVRQSPEKGLEWVAQIRLKSDNYAT(NEP)YAESVKGRFTISRDD
SKSSVYLQMNNLRAEDTGIYYCTGEIFVNWGQGTLVTVSAASTKGPSVFPLAPSSKSTSGGTAALGCLVKDYFPEPVTVS
WNSGALTSGVHTFPAVLQSSGLYSLSSVVTVPSSSLGTQTYICNVNHKPSNTKVDKKVEPKSCDKTHT
;
H
2 'polypeptide(L)'
;DIVMTQAAPSVPVTPGESVSISCRSSKSLLHSNGNTYLYWFLQRPGQSPQLLIYRMSNLASGVPDRFSGSGSGTAFTLRI
SRVEAEDVGVYYCMQHLEYPFTFGAGTKLELKRTVAAPSVFIFPPSDEQLKSGTASVVCLLNNFYPREAKVQWKVDNALQ
SGNSQESVTEQDSKDSTYSLSSTLTLSKADYEKHKVYACEVTHQGLSSPVTKSFNRGEC
;
L
3 'polypeptide(L)' (ACE)KDEDGDYEELVLALRSEEDGLA P
#
loop_
_chem_comp.id
_chem_comp.type
_chem_comp.name
_chem_comp.formula
ACE non-polymer 'ACETYL GROUP' 'C2 H4 O'
CL non-polymer 'CHLORIDE ION' 'Cl -1'
SO4 non-polymer 'SULFATE ION' 'O4 S -2'
ZN non-polymer 'ZINC ION' 'Zn 2'
#
# COMPACT_ATOMS: atom_id res chain seq x y z
N GLU A 1 11.31 22.98 3.50
CA GLU A 1 11.08 22.01 2.43
C GLU A 1 9.72 22.23 1.78
N VAL A 2 9.65 21.98 0.48
CA VAL A 2 8.39 22.03 -0.26
C VAL A 2 7.37 21.05 0.29
N LYS A 3 6.11 21.47 0.41
CA LYS A 3 5.06 20.56 0.85
C LYS A 3 3.81 20.71 0.00
N LEU A 4 3.32 19.60 -0.52
CA LEU A 4 2.05 19.56 -1.22
C LEU A 4 1.07 18.79 -0.36
N GLU A 5 -0.15 19.30 -0.24
CA GLU A 5 -1.13 18.63 0.60
C GLU A 5 -2.48 18.50 -0.09
N GLU A 6 -2.91 17.26 -0.31
CA GLU A 6 -4.20 17.00 -0.94
C GLU A 6 -5.30 16.90 0.09
N SER A 7 -6.52 17.26 -0.32
CA SER A 7 -7.70 17.05 0.50
C SER A 7 -8.93 16.92 -0.39
N GLY A 8 -10.02 16.40 0.17
CA GLY A 8 -11.27 16.33 -0.55
C GLY A 8 -11.77 14.92 -0.86
N GLY A 9 -10.93 13.93 -0.65
CA GLY A 9 -11.31 12.55 -0.93
C GLY A 9 -12.31 12.01 0.08
N GLY A 10 -12.83 10.83 -0.22
CA GLY A 10 -13.80 10.17 0.66
C GLY A 10 -14.68 9.20 -0.11
N LEU A 11 -15.77 8.78 0.52
CA LEU A 11 -16.71 7.84 -0.07
C LEU A 11 -17.78 8.59 -0.87
N VAL A 12 -18.03 8.14 -2.10
CA VAL A 12 -18.95 8.83 -2.98
C VAL A 12 -19.71 7.84 -3.88
N GLN A 13 -20.97 8.15 -4.14
CA GLN A 13 -21.84 7.33 -4.98
C GLN A 13 -21.39 7.36 -6.44
N PRO A 14 -21.53 6.23 -7.15
CA PRO A 14 -21.30 6.20 -8.60
C PRO A 14 -22.17 7.23 -9.34
N GLY A 15 -21.58 7.95 -10.28
CA GLY A 15 -22.29 8.99 -10.99
C GLY A 15 -22.25 10.33 -10.26
N GLY A 16 -21.75 10.34 -9.03
CA GLY A 16 -21.68 11.54 -8.23
C GLY A 16 -20.45 12.38 -8.53
N SER A 17 -20.33 13.51 -7.84
CA SER A 17 -19.21 14.43 -8.06
C SER A 17 -18.39 14.65 -6.79
N MET A 18 -17.13 15.03 -6.99
CA MET A 18 -16.20 15.27 -5.90
C MET A 18 -15.03 16.12 -6.36
N LYS A 19 -14.74 17.19 -5.62
CA LYS A 19 -13.65 18.08 -5.99
C LYS A 19 -12.46 17.92 -5.05
N LEU A 20 -11.30 17.62 -5.61
CA LEU A 20 -10.10 17.49 -4.81
C LEU A 20 -9.30 18.79 -4.80
N SER A 21 -8.58 19.03 -3.71
CA SER A 21 -7.74 20.22 -3.60
C SER A 21 -6.31 19.84 -3.26
N CYS A 22 -5.37 20.66 -3.72
CA CYS A 22 -3.97 20.49 -3.42
C CYS A 22 -3.37 21.85 -3.13
N VAL A 23 -2.88 22.06 -1.91
CA VAL A 23 -2.29 23.36 -1.57
C VAL A 23 -0.80 23.20 -1.34
N ALA A 24 -0.05 24.16 -1.86
CA ALA A 24 1.41 24.11 -1.82
C ALA A 24 1.97 25.09 -0.82
N SER A 25 2.97 24.64 -0.06
CA SER A 25 3.69 25.50 0.87
C SER A 25 5.17 25.50 0.49
N ARG A 26 5.83 26.63 0.72
CA ARG A 26 7.26 26.76 0.45
C ARG A 26 7.57 26.34 -1.00
N PHE A 27 6.69 26.79 -1.89
CA PHE A 27 6.64 26.36 -3.28
C PHE A 27 5.95 27.46 -4.07
N THR A 28 6.67 28.11 -4.98
CA THR A 28 6.09 29.16 -5.80
C THR A 28 5.26 28.54 -6.92
N LEU A 29 4.02 28.17 -6.61
CA LEU A 29 3.17 27.38 -7.50
C LEU A 29 3.04 27.96 -8.91
N SER A 30 2.91 29.28 -8.99
CA SER A 30 2.70 29.97 -10.27
C SER A 30 3.78 29.71 -11.31
N LYS A 31 4.96 29.27 -10.86
CA LYS A 31 6.08 29.05 -11.77
C LYS A 31 6.08 27.66 -12.39
N TYR A 32 5.25 26.75 -11.88
CA TYR A 32 5.40 25.34 -12.24
C TYR A 32 4.12 24.66 -12.73
N TRP A 33 4.28 23.77 -13.72
CA TRP A 33 3.19 22.92 -14.16
C TRP A 33 2.83 21.98 -13.02
N MET A 34 1.56 21.60 -12.93
CA MET A 34 1.13 20.71 -11.86
C MET A 34 0.41 19.50 -12.42
N ASN A 35 0.57 18.35 -11.74
CA ASN A 35 -0.03 17.10 -12.20
C ASN A 35 -0.88 16.44 -11.13
N TRP A 36 -1.88 15.67 -11.58
CA TRP A 36 -2.55 14.72 -10.70
C TRP A 36 -2.22 13.30 -11.15
N VAL A 37 -1.85 12.46 -10.20
CA VAL A 37 -1.55 11.06 -10.45
C VAL A 37 -2.36 10.22 -9.46
N ARG A 38 -2.95 9.11 -9.92
CA ARG A 38 -3.69 8.27 -8.99
C ARG A 38 -3.12 6.85 -8.92
N GLN A 39 -3.49 6.13 -7.88
CA GLN A 39 -2.97 4.79 -7.66
C GLN A 39 -4.03 3.82 -7.16
N SER A 40 -4.10 2.66 -7.81
CA SER A 40 -4.99 1.60 -7.39
C SER A 40 -4.27 0.26 -7.51
N PRO A 41 -4.72 -0.75 -6.76
CA PRO A 41 -4.09 -2.08 -6.85
C PRO A 41 -4.25 -2.69 -8.23
N GLU A 42 -5.35 -2.38 -8.90
CA GLU A 42 -5.68 -3.01 -10.17
C GLU A 42 -4.95 -2.40 -11.36
N LYS A 43 -4.64 -1.11 -11.29
CA LYS A 43 -4.08 -0.40 -12.44
C LYS A 43 -2.70 0.19 -12.16
N GLY A 44 -2.29 0.19 -10.90
CA GLY A 44 -1.01 0.74 -10.51
C GLY A 44 -1.04 2.26 -10.48
N LEU A 45 0.06 2.89 -10.89
CA LEU A 45 0.13 4.34 -10.99
C LEU A 45 -0.38 4.83 -12.35
N GLU A 46 -1.34 5.76 -12.32
CA GLU A 46 -1.87 6.34 -13.55
C GLU A 46 -1.79 7.87 -13.54
N TRP A 47 -1.15 8.44 -14.55
CA TRP A 47 -1.16 9.89 -14.72
C TRP A 47 -2.56 10.33 -15.13
N VAL A 48 -3.09 11.33 -14.44
CA VAL A 48 -4.49 11.72 -14.65
C VAL A 48 -4.64 13.01 -15.45
N ALA A 49 -3.90 14.04 -15.06
CA ALA A 49 -4.08 15.36 -15.65
C ALA A 49 -2.90 16.28 -15.37
N GLN A 50 -2.80 17.34 -16.16
CA GLN A 50 -1.74 18.32 -16.02
C GLN A 50 -2.28 19.70 -16.36
N ILE A 51 -1.78 20.73 -15.70
CA ILE A 51 -2.11 22.09 -16.07
C ILE A 51 -0.84 22.93 -16.09
N ARG A 52 -0.70 23.75 -17.13
CA ARG A 52 0.48 24.58 -17.27
C ARG A 52 0.26 25.98 -16.70
N LEU A 53 1.12 26.92 -17.08
CA LEU A 53 1.13 28.23 -16.46
C LEU A 53 0.14 29.19 -17.11
N LYS A 54 -0.09 30.30 -16.43
CA LYS A 54 -0.88 31.38 -16.97
C LYS A 54 -0.41 31.77 -18.37
N SER A 55 0.91 31.79 -18.57
CA SER A 55 1.46 32.21 -19.87
C SER A 55 1.33 31.16 -21.00
N ASP A 56 1.15 29.86 -20.69
CA ASP A 56 0.81 28.95 -21.79
C ASP A 56 -0.72 28.74 -21.73
N ASN A 57 -1.41 29.81 -21.35
CA ASN A 57 -2.87 29.89 -21.27
C ASN A 57 -3.51 28.76 -20.47
N TYR A 58 -2.87 28.41 -19.35
CA TYR A 58 -3.37 27.37 -18.47
C TYR A 58 -3.68 26.07 -19.23
N ALA A 59 -2.83 25.74 -20.20
CA ALA A 59 -3.08 24.59 -21.05
C ALA A 59 -3.21 23.31 -20.22
N THR A 60 -4.19 22.50 -20.57
CA THR A 60 -4.45 21.27 -19.85
C THR A 60 -4.32 20.05 -20.76
N NEP A 61 -4.04 18.90 -20.16
N NEP A 61 -4.02 18.90 -20.15
CA NEP A 61 -4.03 17.65 -20.89
CA NEP A 61 -3.97 17.64 -20.87
C NEP A 61 -4.55 16.61 -19.95
C NEP A 61 -4.57 16.63 -19.94
O NEP A 61 -4.28 16.70 -18.72
O NEP A 61 -4.40 16.77 -18.71
CB NEP A 61 -2.62 17.32 -21.37
CB NEP A 61 -2.50 17.29 -21.18
CG NEP A 61 -2.68 17.02 -22.85
CG NEP A 61 -1.94 18.17 -22.29
ND1 NEP A 61 -3.11 15.85 -23.42
ND1 NEP A 61 -1.35 19.37 -22.13
CD2 NEP A 61 -2.30 17.88 -23.87
CD2 NEP A 61 -1.96 17.89 -23.66
CE1 NEP A 61 -3.00 15.95 -24.76
CE1 NEP A 61 -0.97 19.87 -23.33
NE2 NEP A 61 -2.52 17.16 -24.96
NE2 NEP A 61 -1.36 18.95 -24.21
P NEP A 61 -2.21 17.78 -26.57
P NEP A 61 -1.10 19.12 -25.94
O1P NEP A 61 -1.41 16.66 -27.41
O1P NEP A 61 0.13 20.12 -26.22
O2P NEP A 61 -3.63 18.07 -27.29
O2P NEP A 61 -0.77 17.68 -26.59
O3P NEP A 61 -1.43 19.04 -26.51
O3P NEP A 61 -2.32 19.69 -26.57
N TYR A 62 -5.28 15.64 -20.48
CA TYR A 62 -5.94 14.65 -19.64
C TYR A 62 -5.69 13.21 -20.09
N ALA A 63 -5.79 12.27 -19.16
CA ALA A 63 -5.81 10.86 -19.55
C ALA A 63 -7.13 10.59 -20.26
N GLU A 64 -7.10 9.70 -21.25
CA GLU A 64 -8.30 9.37 -22.02
C GLU A 64 -9.44 8.88 -21.14
N SER A 65 -9.12 8.04 -20.17
CA SER A 65 -10.11 7.43 -19.28
C SER A 65 -10.86 8.45 -18.44
N VAL A 66 -10.45 9.70 -18.54
CA VAL A 66 -10.86 10.74 -17.62
C VAL A 66 -11.38 11.97 -18.37
N LYS A 67 -11.04 12.05 -19.65
CA LYS A 67 -11.45 13.16 -20.51
C LYS A 67 -12.95 13.34 -20.51
N GLY A 68 -13.39 14.58 -20.29
CA GLY A 68 -14.80 14.91 -20.30
C GLY A 68 -15.46 14.83 -18.92
N ARG A 69 -14.84 14.12 -18.00
CA ARG A 69 -15.42 13.96 -16.66
C ARG A 69 -14.63 14.73 -15.61
N PHE A 70 -13.31 14.77 -15.75
CA PHE A 70 -12.45 15.50 -14.82
C PHE A 70 -12.02 16.84 -15.39
N THR A 71 -11.90 17.85 -14.53
CA THR A 71 -11.34 19.14 -14.93
C THR A 71 -10.25 19.55 -13.93
N ILE A 72 -9.04 19.78 -14.42
CA ILE A 72 -7.97 20.29 -13.57
C ILE A 72 -7.93 21.81 -13.68
N SER A 73 -7.70 22.48 -12.56
CA SER A 73 -7.64 23.94 -12.54
C SER A 73 -6.60 24.40 -11.53
N ARG A 74 -6.27 25.69 -11.55
CA ARG A 74 -5.33 26.23 -10.58
C ARG A 74 -5.70 27.64 -10.18
N ASP A 75 -5.29 28.01 -8.97
CA ASP A 75 -5.47 29.35 -8.45
C ASP A 75 -4.14 29.74 -7.83
N ASP A 76 -3.29 30.42 -8.62
CA ASP A 76 -1.95 30.76 -8.19
C ASP A 76 -1.98 31.61 -6.91
N SER A 77 -2.99 32.45 -6.77
CA SER A 77 -3.07 33.35 -5.62
C SER A 77 -3.43 32.59 -4.35
N LYS A 78 -4.03 31.41 -4.49
CA LYS A 78 -4.34 30.59 -3.32
C LYS A 78 -3.31 29.47 -3.18
N SER A 79 -2.29 29.49 -4.03
CA SER A 79 -1.26 28.47 -4.03
C SER A 79 -1.86 27.08 -4.14
N SER A 80 -2.89 26.93 -4.96
CA SER A 80 -3.62 25.67 -5.03
C SER A 80 -3.92 25.20 -6.46
N VAL A 81 -4.00 23.88 -6.62
CA VAL A 81 -4.49 23.26 -7.84
C VAL A 81 -5.68 22.37 -7.46
N TYR A 82 -6.59 22.15 -8.40
CA TYR A 82 -7.82 21.42 -8.12
C TYR A 82 -8.12 20.33 -9.15
N LEU A 83 -8.88 19.34 -8.74
CA LEU A 83 -9.39 18.34 -9.68
C LEU A 83 -10.89 18.14 -9.45
N GLN A 84 -11.69 18.65 -10.37
CA GLN A 84 -13.14 18.47 -10.32
C GLN A 84 -13.50 17.17 -11.01
N MET A 85 -14.05 16.22 -10.26
CA MET A 85 -14.37 14.91 -10.80
C MET A 85 -15.89 14.72 -10.88
N ASN A 86 -16.40 14.63 -12.10
CA ASN A 86 -17.83 14.45 -12.33
C ASN A 86 -18.13 13.08 -12.91
N ASN A 87 -19.37 12.62 -12.72
CA ASN A 87 -19.82 11.33 -13.21
C ASN A 87 -18.85 10.21 -12.84
N LEU A 88 -18.50 10.15 -11.56
CA LEU A 88 -17.50 9.21 -11.07
C LEU A 88 -17.90 7.76 -11.30
N ARG A 89 -16.92 6.95 -11.70
CA ARG A 89 -17.11 5.52 -11.89
C ARG A 89 -16.37 4.76 -10.80
N ALA A 90 -16.68 3.48 -10.65
CA ALA A 90 -16.01 2.63 -9.67
C ALA A 90 -14.51 2.52 -9.98
N GLU A 91 -14.16 2.56 -11.26
CA GLU A 91 -12.77 2.46 -11.69
C GLU A 91 -11.93 3.61 -11.13
N ASP A 92 -12.60 4.73 -10.83
CA ASP A 92 -11.91 5.93 -10.34
C ASP A 92 -11.46 5.81 -8.90
N THR A 93 -11.82 4.71 -8.24
CA THR A 93 -11.39 4.47 -6.86
C THR A 93 -9.87 4.39 -6.77
N GLY A 94 -9.30 5.06 -5.76
CA GLY A 94 -7.87 4.98 -5.54
C GLY A 94 -7.31 6.17 -4.78
N ILE A 95 -6.00 6.16 -4.57
CA ILE A 95 -5.33 7.26 -3.89
C ILE A 95 -4.95 8.32 -4.92
N TYR A 96 -5.36 9.57 -4.68
CA TYR A 96 -5.06 10.63 -5.62
C TYR A 96 -3.94 11.54 -5.12
N TYR A 97 -2.85 11.60 -5.88
CA TYR A 97 -1.72 12.45 -5.55
C TYR A 97 -1.62 13.68 -6.43
N CYS A 98 -1.27 14.81 -5.85
N CYS A 98 -1.22 14.79 -5.82
CA CYS A 98 -0.86 15.95 -6.67
CA CYS A 98 -0.84 16.01 -6.51
C CYS A 98 0.65 16.02 -6.64
C CYS A 98 0.69 16.05 -6.60
N THR A 99 1.22 16.42 -7.77
CA THR A 99 2.67 16.51 -7.93
C THR A 99 3.05 17.78 -8.67
N GLY A 100 4.28 18.24 -8.48
CA GLY A 100 4.82 19.36 -9.22
C GLY A 100 5.33 18.94 -10.60
N GLU A 101 6.00 19.85 -11.28
CA GLU A 101 6.33 19.66 -12.70
C GLU A 101 7.27 18.49 -13.00
N ILE A 102 8.24 18.23 -12.13
CA ILE A 102 9.22 17.19 -12.41
C ILE A 102 9.13 16.01 -11.44
N PHE A 103 7.99 15.89 -10.78
CA PHE A 103 7.66 14.68 -10.02
C PHE A 103 8.65 14.41 -8.88
N VAL A 104 9.30 15.46 -8.40
CA VAL A 104 10.07 15.39 -7.15
C VAL A 104 9.14 15.51 -5.95
N ASN A 105 8.19 16.44 -6.04
CA ASN A 105 7.29 16.72 -4.95
C ASN A 105 5.93 16.05 -5.16
N TRP A 106 5.55 15.22 -4.20
CA TRP A 106 4.26 14.54 -4.18
C TRP A 106 3.58 14.82 -2.86
N GLY A 107 2.26 14.97 -2.87
CA GLY A 107 1.54 15.05 -1.62
C GLY A 107 1.46 13.68 -0.97
N GLN A 108 0.79 13.61 0.18
CA GLN A 108 0.61 12.36 0.90
C GLN A 108 -0.51 11.55 0.26
N GLY A 109 -1.34 12.22 -0.54
CA GLY A 109 -2.42 11.58 -1.26
C GLY A 109 -3.72 11.58 -0.50
N THR A 110 -4.84 11.58 -1.23
CA THR A 110 -6.16 11.51 -0.62
C THR A 110 -6.94 10.35 -1.24
N LEU A 111 -7.61 9.58 -0.39
CA LEU A 111 -8.26 8.34 -0.83
C LEU A 111 -9.68 8.60 -1.35
N VAL A 112 -9.91 8.23 -2.60
CA VAL A 112 -11.24 8.36 -3.21
C VAL A 112 -11.86 6.99 -3.40
N THR A 113 -13.00 6.79 -2.74
CA THR A 113 -13.71 5.52 -2.85
C THR A 113 -15.08 5.72 -3.48
N VAL A 114 -15.28 5.12 -4.65
CA VAL A 114 -16.55 5.22 -5.35
C VAL A 114 -17.35 3.92 -5.25
N SER A 115 -18.40 3.96 -4.45
CA SER A 115 -19.25 2.80 -4.25
C SER A 115 -20.66 3.21 -3.84
N ALA A 116 -21.61 2.29 -4.05
CA ALA A 116 -22.99 2.52 -3.66
C ALA A 116 -23.24 2.00 -2.26
N ALA A 117 -22.26 1.30 -1.71
CA ALA A 117 -22.39 0.71 -0.38
C ALA A 117 -22.32 1.79 0.68
N SER A 118 -23.15 1.64 1.70
CA SER A 118 -23.20 2.61 2.80
C SER A 118 -22.06 2.37 3.78
N THR A 119 -21.83 3.34 4.65
CA THR A 119 -20.82 3.24 5.68
C THR A 119 -21.23 2.24 6.75
N LYS A 120 -20.29 1.43 7.23
CA LYS A 120 -20.54 0.56 8.36
C LYS A 120 -19.32 0.47 9.28
N GLY A 121 -19.55 0.59 10.58
CA GLY A 121 -18.48 0.47 11.56
C GLY A 121 -18.16 -0.97 11.90
N PRO A 122 -16.93 -1.22 12.37
CA PRO A 122 -16.44 -2.58 12.63
C PRO A 122 -16.77 -3.11 14.03
N SER A 123 -16.65 -4.42 14.19
CA SER A 123 -16.73 -5.06 15.49
C SER A 123 -15.33 -5.49 15.90
N VAL A 124 -15.02 -5.38 17.19
CA VAL A 124 -13.69 -5.77 17.67
C VAL A 124 -13.77 -6.94 18.66
N PHE A 125 -13.21 -8.08 18.26
CA PHE A 125 -13.15 -9.26 19.11
C PHE A 125 -11.69 -9.56 19.48
N PRO A 126 -11.46 -10.11 20.68
CA PRO A 126 -10.09 -10.37 21.12
C PRO A 126 -9.57 -11.76 20.69
N LEU A 127 -8.27 -11.84 20.43
CA LEU A 127 -7.62 -13.11 20.14
C LEU A 127 -6.79 -13.50 21.36
N ALA A 128 -7.43 -14.16 22.31
CA ALA A 128 -6.85 -14.42 23.62
C ALA A 128 -5.78 -15.51 23.61
N PRO A 129 -4.73 -15.33 24.44
CA PRO A 129 -3.65 -16.31 24.60
C PRO A 129 -4.07 -17.48 25.50
N GLY A 137 6.98 -19.76 27.43
CA GLY A 137 7.81 -19.11 26.45
C GLY A 137 7.24 -17.77 26.00
N THR A 138 6.82 -17.71 24.74
CA THR A 138 6.22 -16.49 24.19
C THR A 138 4.76 -16.73 23.79
N ALA A 139 3.91 -15.77 24.10
CA ALA A 139 2.48 -15.87 23.81
C ALA A 139 2.05 -14.88 22.75
N ALA A 140 1.05 -15.27 21.96
CA ALA A 140 0.52 -14.40 20.90
C ALA A 140 -0.84 -13.85 21.29
N LEU A 141 -0.97 -12.52 21.22
CA LEU A 141 -2.22 -11.84 21.55
C LEU A 141 -2.68 -10.98 20.38
N GLY A 142 -3.99 -10.90 20.17
CA GLY A 142 -4.49 -10.14 19.04
C GLY A 142 -5.89 -9.55 19.15
N CYS A 143 -6.26 -8.79 18.14
CA CYS A 143 -7.61 -8.23 18.02
C CYS A 143 -8.13 -8.41 16.59
N LEU A 144 -9.33 -8.96 16.46
CA LEU A 144 -9.97 -9.09 15.15
C LEU A 144 -10.93 -7.92 14.90
N VAL A 145 -10.67 -7.16 13.84
CA VAL A 145 -11.50 -6.02 13.49
C VAL A 145 -12.34 -6.35 12.25
N LYS A 146 -13.57 -6.80 12.48
CA LYS A 146 -14.37 -7.43 11.42
C LYS A 146 -15.57 -6.58 10.96
N ASP A 147 -15.87 -6.70 9.67
CA ASP A 147 -17.06 -6.12 9.04
C ASP A 147 -17.13 -4.59 9.13
N TYR A 148 -16.38 -3.92 8.26
CA TYR A 148 -16.46 -2.46 8.15
C TYR A 148 -16.36 -2.00 6.70
N PHE A 149 -16.83 -0.78 6.45
CA PHE A 149 -16.76 -0.16 5.12
C PHE A 149 -16.92 1.36 5.23
N PRO A 150 -16.09 2.11 4.49
CA PRO A 150 -14.98 1.63 3.67
C PRO A 150 -13.68 1.58 4.44
N GLU A 151 -12.58 1.34 3.74
CA GLU A 151 -11.25 1.51 4.31
C GLU A 151 -11.08 2.99 4.69
N PRO A 152 -10.19 3.29 5.64
CA PRO A 152 -9.31 2.41 6.42
C PRO A 152 -9.67 2.34 7.90
N VAL A 153 -9.01 1.44 8.63
CA VAL A 153 -9.10 1.43 10.09
C VAL A 153 -7.71 1.53 10.71
N THR A 154 -7.65 2.08 11.91
CA THR A 154 -6.39 2.28 12.60
C THR A 154 -6.32 1.46 13.88
N VAL A 155 -5.25 0.69 14.04
CA VAL A 155 -5.07 -0.12 15.24
C VAL A 155 -3.69 0.12 15.87
N SER A 156 -3.70 0.44 17.16
CA SER A 156 -2.46 0.54 17.93
C SER A 156 -2.61 -0.26 19.21
N TRP A 157 -1.57 -0.29 20.04
CA TRP A 157 -1.61 -1.07 21.27
C TRP A 157 -1.08 -0.28 22.47
N ASN A 158 -1.89 -0.22 23.52
CA ASN A 158 -1.57 0.52 24.73
C ASN A 158 -1.24 1.98 24.44
N SER A 159 -2.03 2.58 23.56
CA SER A 159 -1.88 3.99 23.17
C SER A 159 -0.50 4.27 22.57
N GLY A 160 0.08 3.26 21.93
CA GLY A 160 1.35 3.43 21.23
C GLY A 160 2.57 3.00 22.02
N ALA A 161 2.35 2.55 23.25
CA ALA A 161 3.45 2.12 24.11
C ALA A 161 3.97 0.75 23.70
N LEU A 162 3.10 -0.06 23.11
CA LEU A 162 3.47 -1.40 22.66
C LEU A 162 3.61 -1.44 21.14
N THR A 163 4.84 -1.53 20.66
CA THR A 163 5.10 -1.48 19.22
C THR A 163 6.15 -2.50 18.79
N SER A 164 6.77 -3.17 19.75
CA SER A 164 7.93 -4.03 19.48
C SER A 164 7.60 -5.25 18.63
N GLY A 165 6.58 -6.00 19.00
CA GLY A 165 6.25 -7.23 18.30
C GLY A 165 4.90 -7.25 17.62
N VAL A 166 4.43 -6.07 17.21
CA VAL A 166 3.10 -5.95 16.61
C VAL A 166 3.09 -6.22 15.11
N HIS A 167 2.21 -7.12 14.69
CA HIS A 167 1.96 -7.38 13.27
C HIS A 167 0.49 -7.06 12.96
N THR A 168 0.25 -5.93 12.30
CA THR A 168 -1.10 -5.57 11.88
C THR A 168 -1.29 -5.86 10.38
N PHE A 169 -2.23 -6.73 10.08
CA PHE A 169 -2.36 -7.29 8.73
C PHE A 169 -3.20 -6.43 7.78
N PRO A 170 -2.89 -6.51 6.48
CA PRO A 170 -3.69 -5.84 5.44
C PRO A 170 -5.14 -6.28 5.51
N ALA A 171 -6.05 -5.34 5.28
CA ALA A 171 -7.47 -5.65 5.29
C ALA A 171 -7.85 -6.52 4.11
N VAL A 172 -8.58 -7.60 4.40
CA VAL A 172 -9.11 -8.44 3.34
C VAL A 172 -10.57 -8.07 3.08
N LEU A 173 -10.93 -7.98 1.81
CA LEU A 173 -12.32 -7.76 1.45
C LEU A 173 -13.06 -9.09 1.53
N GLN A 174 -14.14 -9.12 2.30
CA GLN A 174 -14.92 -10.34 2.48
C GLN A 174 -15.97 -10.49 1.39
N SER A 175 -16.54 -11.68 1.30
CA SER A 175 -17.56 -11.98 0.30
C SER A 175 -18.76 -11.05 0.44
N SER A 176 -19.05 -10.65 1.68
CA SER A 176 -20.18 -9.78 1.98
C SER A 176 -19.96 -8.35 1.48
N GLY A 177 -18.75 -8.04 1.06
CA GLY A 177 -18.42 -6.69 0.59
C GLY A 177 -17.85 -5.83 1.71
N LEU A 178 -17.70 -6.44 2.87
CA LEU A 178 -17.13 -5.76 4.04
C LEU A 178 -15.67 -6.13 4.20
N TYR A 179 -14.91 -5.26 4.84
CA TYR A 179 -13.50 -5.53 5.07
C TYR A 179 -13.30 -6.17 6.46
N SER A 180 -12.21 -6.91 6.60
CA SER A 180 -11.82 -7.43 7.91
C SER A 180 -10.30 -7.48 8.01
N LEU A 181 -9.78 -7.27 9.22
CA LEU A 181 -8.35 -7.46 9.45
C LEU A 181 -8.05 -7.85 10.89
N SER A 182 -6.90 -8.46 11.08
CA SER A 182 -6.43 -8.85 12.41
C SER A 182 -5.17 -8.08 12.78
N SER A 183 -5.02 -7.80 14.07
CA SER A 183 -3.79 -7.19 14.58
C SER A 183 -3.26 -8.00 15.75
N VAL A 184 -2.10 -8.63 15.56
CA VAL A 184 -1.55 -9.56 16.55
C VAL A 184 -0.19 -9.07 17.07
N VAL A 185 0.15 -9.46 18.30
CA VAL A 185 1.43 -9.09 18.92
C VAL A 185 1.98 -10.25 19.75
N THR A 186 3.31 -10.38 19.79
CA THR A 186 3.94 -11.43 20.58
C THR A 186 4.65 -10.87 21.81
N VAL A 187 4.32 -11.43 22.97
CA VAL A 187 4.90 -11.02 24.25
C VAL A 187 5.15 -12.27 25.10
N PRO A 188 6.06 -12.17 26.09
CA PRO A 188 6.34 -13.32 26.96
C PRO A 188 5.09 -13.89 27.64
N SER A 189 5.07 -15.21 27.80
CA SER A 189 3.93 -15.91 28.40
C SER A 189 3.80 -15.60 29.88
N SER A 190 4.86 -15.08 30.47
CA SER A 190 4.89 -14.75 31.89
C SER A 190 4.17 -13.45 32.19
N SER A 191 3.97 -12.64 31.14
CA SER A 191 3.35 -11.33 31.30
C SER A 191 1.83 -11.41 31.43
N LEU A 192 1.27 -12.54 30.98
CA LEU A 192 -0.18 -12.73 31.00
C LEU A 192 -0.71 -12.80 32.43
N GLY A 193 -1.66 -11.92 32.75
CA GLY A 193 -2.28 -11.91 34.07
C GLY A 193 -1.95 -10.67 34.88
N THR A 194 -0.89 -9.97 34.50
CA THR A 194 -0.49 -8.74 35.19
C THR A 194 -0.30 -7.60 34.20
N GLN A 195 0.41 -7.87 33.12
CA GLN A 195 0.57 -6.89 32.05
C GLN A 195 -0.71 -6.78 31.23
N THR A 196 -1.31 -5.60 31.25
CA THR A 196 -2.55 -5.37 30.52
C THR A 196 -2.28 -5.00 29.07
N TYR A 197 -2.98 -5.68 28.16
CA TYR A 197 -2.79 -5.44 26.72
C TYR A 197 -4.08 -4.95 26.07
N ILE A 198 -4.02 -3.74 25.52
CA ILE A 198 -5.19 -3.07 24.96
C ILE A 198 -4.98 -2.71 23.50
N CYS A 199 -5.96 -3.03 22.65
CA CYS A 199 -5.91 -2.62 21.25
C CYS A 199 -6.80 -1.41 21.02
N ASN A 200 -6.24 -0.36 20.45
CA ASN A 200 -6.97 0.87 20.20
C ASN A 200 -7.41 0.96 18.75
N VAL A 201 -8.72 0.85 18.52
CA VAL A 201 -9.26 0.77 17.17
C VAL A 201 -10.01 2.05 16.75
N ASN A 202 -9.77 2.49 15.52
CA ASN A 202 -10.47 3.64 14.97
C ASN A 202 -10.94 3.42 13.54
N HIS A 203 -12.22 3.67 13.30
CA HIS A 203 -12.77 3.68 11.94
C HIS A 203 -13.44 5.03 11.69
N LYS A 204 -12.66 5.97 11.19
CA LYS A 204 -13.12 7.35 10.99
C LYS A 204 -14.40 7.52 10.16
N PRO A 205 -14.52 6.82 9.00
CA PRO A 205 -15.72 7.08 8.20
C PRO A 205 -17.04 6.80 8.92
N SER A 206 -17.02 5.96 9.95
CA SER A 206 -18.23 5.67 10.71
C SER A 206 -18.20 6.31 12.10
N ASN A 207 -17.17 7.10 12.36
CA ASN A 207 -16.93 7.70 13.68
C ASN A 207 -16.95 6.65 14.79
N THR A 208 -16.19 5.57 14.60
CA THR A 208 -16.14 4.51 15.58
C THR A 208 -14.79 4.46 16.28
N LYS A 209 -14.83 4.50 17.61
CA LYS A 209 -13.62 4.44 18.42
C LYS A 209 -13.79 3.38 19.50
N VAL A 210 -12.94 2.37 19.48
CA VAL A 210 -13.07 1.22 20.36
C VAL A 210 -11.77 0.85 21.05
N ASP A 211 -11.83 0.61 22.36
CA ASP A 211 -10.71 0.07 23.11
C ASP A 211 -11.09 -1.28 23.73
N LYS A 212 -10.28 -2.31 23.49
CA LYS A 212 -10.59 -3.65 23.96
C LYS A 212 -9.48 -4.27 24.79
N LYS A 213 -9.85 -4.85 25.93
CA LYS A 213 -8.91 -5.57 26.77
C LYS A 213 -8.65 -6.97 26.20
N VAL A 214 -7.38 -7.35 26.11
CA VAL A 214 -7.03 -8.68 25.66
C VAL A 214 -6.43 -9.48 26.82
N GLU A 215 -7.23 -10.40 27.37
CA GLU A 215 -6.81 -11.21 28.51
C GLU A 215 -7.28 -12.65 28.32
N PRO A 216 -6.52 -13.62 28.86
CA PRO A 216 -6.81 -15.06 28.68
C PRO A 216 -8.21 -15.46 29.09
N LYS A 217 -8.75 -16.50 28.44
CA LYS A 217 -10.11 -16.96 28.71
C LYS A 217 -10.09 -18.22 29.59
N ASP B 1 -0.28 5.73 -27.43
CA ASP B 1 -0.01 5.23 -26.10
C ASP B 1 1.36 4.55 -26.04
N ILE B 2 2.27 5.09 -25.24
CA ILE B 2 3.54 4.40 -25.06
C ILE B 2 3.41 3.45 -23.89
N VAL B 3 3.57 2.17 -24.17
CA VAL B 3 3.43 1.14 -23.15
C VAL B 3 4.76 0.88 -22.43
N MET B 4 4.77 1.04 -21.12
CA MET B 4 5.96 0.79 -20.33
C MET B 4 5.88 -0.60 -19.68
N THR B 5 6.85 -1.44 -19.98
CA THR B 5 6.83 -2.83 -19.51
C THR B 5 7.96 -3.12 -18.53
N GLN B 6 7.59 -3.57 -17.34
CA GLN B 6 8.55 -4.08 -16.38
C GLN B 6 8.31 -5.57 -16.17
N ALA B 7 9.17 -6.39 -16.77
CA ALA B 7 8.93 -7.82 -16.86
C ALA B 7 8.91 -8.51 -15.48
N ALA B 8 9.80 -8.11 -14.59
CA ALA B 8 9.89 -8.73 -13.27
C ALA B 8 8.95 -8.06 -12.27
N PRO B 9 7.94 -8.81 -11.78
CA PRO B 9 7.02 -8.30 -10.76
C PRO B 9 7.74 -8.10 -9.43
N SER B 10 8.77 -8.90 -9.19
CA SER B 10 9.53 -8.84 -7.94
C SER B 10 10.95 -9.34 -8.16
N VAL B 11 11.88 -8.86 -7.34
CA VAL B 11 13.26 -9.31 -7.41
C VAL B 11 13.84 -9.45 -6.00
N PRO B 12 14.45 -10.62 -5.72
CA PRO B 12 15.06 -10.89 -4.43
C PRO B 12 16.55 -10.57 -4.40
N VAL B 13 17.00 -9.86 -3.37
CA VAL B 13 18.40 -9.49 -3.25
C VAL B 13 18.96 -9.75 -1.87
N THR B 14 20.15 -10.32 -1.82
CA THR B 14 20.92 -10.40 -0.58
C THR B 14 21.39 -9.00 -0.21
N PRO B 15 21.10 -8.57 1.03
CA PRO B 15 21.50 -7.24 1.50
C PRO B 15 23.00 -7.00 1.33
N GLY B 16 23.36 -5.90 0.67
CA GLY B 16 24.76 -5.60 0.43
C GLY B 16 25.22 -6.03 -0.94
N GLU B 17 24.38 -6.79 -1.65
CA GLU B 17 24.67 -7.16 -3.02
C GLU B 17 23.99 -6.22 -4.00
N SER B 18 24.35 -6.31 -5.27
CA SER B 18 23.81 -5.43 -6.29
C SER B 18 22.53 -5.99 -6.90
N VAL B 19 21.77 -5.12 -7.55
CA VAL B 19 20.56 -5.53 -8.25
C VAL B 19 20.31 -4.64 -9.47
N SER B 20 19.71 -5.21 -10.49
CA SER B 20 19.28 -4.47 -11.66
C SER B 20 17.78 -4.65 -11.86
N ILE B 21 17.11 -3.58 -12.25
CA ILE B 21 15.69 -3.60 -12.50
C ILE B 21 15.44 -3.05 -13.90
N SER B 22 14.76 -3.85 -14.72
CA SER B 22 14.60 -3.52 -16.13
C SER B 22 13.26 -2.85 -16.43
N CYS B 23 13.24 -2.11 -17.52
CA CYS B 23 12.02 -1.48 -18.02
C CYS B 23 12.18 -1.28 -19.50
N ARG B 24 11.10 -1.41 -20.26
CA ARG B 24 11.17 -1.17 -21.69
C ARG B 24 9.95 -0.40 -22.20
N SER B 25 10.15 0.34 -23.28
CA SER B 25 9.07 1.12 -23.87
C SER B 25 8.76 0.64 -25.27
N SER B 26 7.49 0.77 -25.68
CA SER B 26 7.06 0.33 -27.01
C SER B 26 7.49 1.31 -28.08
N LYS B 27 8.17 2.37 -27.67
CA LYS B 27 8.60 3.44 -28.58
C LYS B 27 9.84 4.08 -28.00
N SER B 28 10.72 4.59 -28.86
CA SER B 28 11.92 5.27 -28.38
C SER B 28 11.54 6.48 -27.54
N LEU B 29 12.24 6.66 -26.43
CA LEU B 29 11.99 7.79 -25.55
C LEU B 29 13.03 8.89 -25.77
N LEU B 30 13.85 8.72 -26.81
CA LEU B 30 14.88 9.71 -27.13
C LEU B 30 14.27 10.96 -27.75
N HIS B 31 14.35 12.08 -27.03
CA HIS B 31 13.85 13.35 -27.53
C HIS B 31 14.82 13.90 -28.58
N SER B 32 14.34 14.82 -29.41
CA SER B 32 15.16 15.42 -30.45
C SER B 32 16.33 16.20 -29.86
N ASN B 33 16.19 16.65 -28.62
CA ASN B 33 17.26 17.40 -27.97
C ASN B 33 18.38 16.49 -27.44
N GLY B 34 18.22 15.19 -27.65
CA GLY B 34 19.24 14.23 -27.25
C GLY B 34 18.99 13.58 -25.91
N ASN B 35 18.00 14.07 -25.19
CA ASN B 35 17.67 13.52 -23.88
C ASN B 35 16.62 12.42 -23.96
N THR B 36 16.68 11.48 -23.03
CA THR B 36 15.74 10.38 -22.96
C THR B 36 14.75 10.62 -21.84
N TYR B 37 13.47 10.77 -22.20
CA TYR B 37 12.48 11.25 -21.24
C TYR B 37 11.90 10.10 -20.41
N LEU B 38 12.71 9.66 -19.45
CA LEU B 38 12.36 8.53 -18.59
C LEU B 38 12.68 8.83 -17.13
N TYR B 39 11.69 8.62 -16.26
CA TYR B 39 11.88 8.74 -14.81
C TYR B 39 11.98 7.36 -14.16
N TRP B 40 12.69 7.29 -13.04
CA TRP B 40 12.60 6.14 -12.13
C TRP B 40 12.13 6.60 -10.75
N PHE B 41 11.16 5.89 -10.17
CA PHE B 41 10.67 6.16 -8.82
C PHE B 41 10.81 4.97 -7.88
N LEU B 42 10.99 5.24 -6.60
CA LEU B 42 10.84 4.23 -5.57
C LEU B 42 9.64 4.56 -4.69
N GLN B 43 8.77 3.58 -4.47
CA GLN B 43 7.70 3.75 -3.50
C GLN B 43 7.87 2.78 -2.34
N ARG B 44 8.35 3.29 -1.22
CA ARG B 44 8.47 2.48 -0.02
C ARG B 44 7.07 2.24 0.55
N PRO B 45 6.87 1.09 1.22
CA PRO B 45 5.53 0.74 1.69
C PRO B 45 4.90 1.82 2.57
N GLY B 46 3.65 2.15 2.28
CA GLY B 46 2.93 3.16 3.03
C GLY B 46 3.30 4.60 2.70
N GLN B 47 4.21 4.77 1.75
CA GLN B 47 4.71 6.10 1.42
C GLN B 47 4.31 6.55 0.02
N SER B 48 4.45 7.84 -0.24
CA SER B 48 4.25 8.37 -1.59
C SER B 48 5.46 8.02 -2.44
N PRO B 49 5.27 7.97 -3.77
CA PRO B 49 6.41 7.75 -4.65
C PRO B 49 7.47 8.83 -4.47
N GLN B 50 8.72 8.46 -4.74
CA GLN B 50 9.86 9.37 -4.61
C GLN B 50 10.74 9.25 -5.84
N LEU B 51 11.13 10.37 -6.42
CA LEU B 51 11.95 10.36 -7.63
C LEU B 51 13.37 9.90 -7.37
N LEU B 52 13.87 8.97 -8.19
CA LEU B 52 15.25 8.52 -8.07
C LEU B 52 16.10 9.08 -9.21
N ILE B 53 15.58 8.97 -10.42
CA ILE B 53 16.34 9.25 -11.64
C ILE B 53 15.50 10.05 -12.62
N TYR B 54 16.08 11.08 -13.24
CA TYR B 54 15.42 11.78 -14.31
C TYR B 54 16.26 11.75 -15.58
N ARG B 55 15.60 11.87 -16.73
CA ARG B 55 16.26 11.77 -18.03
C ARG B 55 17.16 10.54 -18.12
N MET B 56 16.61 9.42 -17.65
CA MET B 56 17.18 8.08 -17.79
C MET B 56 18.39 7.78 -16.92
N SER B 57 19.29 8.74 -16.76
CA SER B 57 20.57 8.43 -16.11
C SER B 57 21.04 9.45 -15.08
N ASN B 58 20.22 10.45 -14.78
CA ASN B 58 20.61 11.48 -13.81
C ASN B 58 20.03 11.25 -12.42
N LEU B 59 20.92 11.18 -11.43
CA LEU B 59 20.52 11.07 -10.03
C LEU B 59 19.79 12.32 -9.57
N ALA B 60 18.57 12.17 -9.08
CA ALA B 60 17.87 13.33 -8.51
C ALA B 60 18.58 13.75 -7.23
N SER B 61 18.40 15.01 -6.85
CA SER B 61 19.03 15.57 -5.66
C SER B 61 18.65 14.78 -4.40
N GLY B 62 19.65 14.49 -3.56
CA GLY B 62 19.41 13.78 -2.31
C GLY B 62 19.33 12.28 -2.43
N VAL B 63 19.39 11.75 -3.66
CA VAL B 63 19.34 10.32 -3.86
C VAL B 63 20.73 9.72 -3.68
N PRO B 64 20.84 8.60 -2.94
CA PRO B 64 22.16 8.00 -2.65
C PRO B 64 22.99 7.57 -3.87
N ASP B 65 24.31 7.59 -3.65
CA ASP B 65 25.36 7.09 -4.56
C ASP B 65 25.08 5.83 -5.33
N ARG B 66 24.48 4.86 -4.65
CA ARG B 66 24.49 3.48 -5.12
C ARG B 66 23.52 3.30 -6.27
N PHE B 67 22.67 4.30 -6.49
CA PHE B 67 21.70 4.26 -7.57
C PHE B 67 22.30 4.79 -8.87
N SER B 68 22.03 4.08 -9.96
CA SER B 68 22.40 4.55 -11.29
C SER B 68 21.35 4.14 -12.30
N GLY B 69 21.28 4.88 -13.41
CA GLY B 69 20.34 4.58 -14.46
C GLY B 69 21.05 4.54 -15.79
N SER B 70 20.68 3.60 -16.64
CA SER B 70 21.27 3.52 -17.96
C SER B 70 20.25 2.98 -18.95
N GLY B 71 20.61 3.01 -20.22
CA GLY B 71 19.75 2.43 -21.23
C GLY B 71 19.95 2.94 -22.63
N SER B 72 19.23 2.34 -23.57
CA SER B 72 19.23 2.79 -24.95
C SER B 72 18.03 3.70 -25.17
N GLY B 73 17.32 3.47 -26.27
CA GLY B 73 16.13 4.24 -26.57
C GLY B 73 14.85 3.57 -26.08
N THR B 74 14.90 2.25 -25.96
CA THR B 74 13.72 1.46 -25.60
C THR B 74 13.94 0.50 -24.44
N ALA B 75 15.20 0.32 -24.04
CA ALA B 75 15.53 -0.60 -22.96
C ALA B 75 16.29 0.11 -21.85
N PHE B 76 15.76 0.07 -20.64
CA PHE B 76 16.31 0.86 -19.54
C PHE B 76 16.60 0.02 -18.30
N THR B 77 17.66 0.39 -17.59
CA THR B 77 18.08 -0.36 -16.42
C THR B 77 18.36 0.54 -15.23
N LEU B 78 17.70 0.24 -14.11
CA LEU B 78 18.04 0.87 -12.85
C LEU B 78 18.94 -0.07 -12.07
N ARG B 79 20.04 0.43 -11.53
CA ARG B 79 20.95 -0.41 -10.76
C ARG B 79 21.20 0.14 -9.36
N ILE B 80 21.27 -0.77 -8.39
CA ILE B 80 21.69 -0.45 -7.05
C ILE B 80 22.93 -1.29 -6.73
N SER B 81 24.03 -0.65 -6.38
CA SER B 81 25.29 -1.36 -6.17
C SER B 81 25.30 -2.20 -4.90
N ARG B 82 24.82 -1.64 -3.79
CA ARG B 82 24.76 -2.35 -2.52
C ARG B 82 23.45 -2.04 -1.80
N VAL B 83 22.51 -2.97 -1.87
CA VAL B 83 21.16 -2.75 -1.36
C VAL B 83 21.10 -2.54 0.16
N GLU B 84 20.76 -1.32 0.57
CA GLU B 84 20.45 -1.01 1.98
C GLU B 84 19.05 -1.55 2.29
N ALA B 85 18.66 -1.48 3.56
CA ALA B 85 17.32 -1.90 3.96
C ALA B 85 16.29 -0.83 3.60
N GLU B 86 16.77 0.40 3.42
CA GLU B 86 15.91 1.51 3.03
C GLU B 86 15.58 1.47 1.54
N ASP B 87 16.06 0.43 0.85
CA ASP B 87 15.88 0.32 -0.59
C ASP B 87 14.68 -0.55 -0.96
N VAL B 88 14.11 -1.25 0.01
CA VAL B 88 13.00 -2.13 -0.30
C VAL B 88 11.74 -1.31 -0.54
N GLY B 89 10.92 -1.78 -1.47
CA GLY B 89 9.75 -1.05 -1.92
C GLY B 89 9.50 -1.41 -3.37
N VAL B 90 8.72 -0.61 -4.07
CA VAL B 90 8.40 -0.89 -5.46
C VAL B 90 9.04 0.15 -6.37
N TYR B 91 9.69 -0.32 -7.42
CA TYR B 91 10.34 0.57 -8.36
C TYR B 91 9.51 0.72 -9.63
N TYR B 92 9.25 1.97 -10.03
CA TYR B 92 8.46 2.26 -11.21
C TYR B 92 9.25 3.11 -12.21
N CYS B 93 9.16 2.76 -13.49
CA CYS B 93 9.63 3.64 -14.55
C CYS B 93 8.45 4.42 -15.11
N MET B 94 8.73 5.57 -15.72
CA MET B 94 7.68 6.40 -16.30
C MET B 94 8.23 7.22 -17.46
N GLN B 95 7.48 7.29 -18.55
CA GLN B 95 7.87 8.11 -19.71
C GLN B 95 7.05 9.40 -19.74
N HIS B 96 7.70 10.50 -20.11
CA HIS B 96 6.99 11.76 -20.27
C HIS B 96 7.33 12.42 -21.60
N LEU B 97 7.71 11.60 -22.57
CA LEU B 97 7.95 12.07 -23.93
C LEU B 97 6.64 12.52 -24.57
N GLU B 98 5.59 11.73 -24.35
CA GLU B 98 4.28 12.01 -24.95
C GLU B 98 3.13 11.86 -23.96
N TYR B 99 2.04 12.58 -24.22
CA TYR B 99 0.80 12.37 -23.48
C TYR B 99 0.07 11.18 -24.10
N PRO B 100 -0.48 10.30 -23.25
CA PRO B 100 -0.44 10.37 -21.79
C PRO B 100 0.88 9.87 -21.22
N PHE B 101 1.33 10.47 -20.12
CA PHE B 101 2.49 9.90 -19.42
C PHE B 101 2.06 8.54 -18.91
N THR B 102 2.94 7.55 -19.01
CA THR B 102 2.58 6.20 -18.63
C THR B 102 3.64 5.58 -17.72
N PHE B 103 3.17 4.77 -16.77
CA PHE B 103 4.01 4.07 -15.81
C PHE B 103 4.15 2.59 -16.15
N GLY B 104 5.24 1.96 -15.69
CA GLY B 104 5.33 0.52 -15.68
C GLY B 104 4.53 -0.03 -14.51
N ALA B 105 4.29 -1.34 -14.51
CA ALA B 105 3.50 -1.98 -13.46
C ALA B 105 4.26 -2.06 -12.12
N GLY B 106 5.56 -1.78 -12.15
CA GLY B 106 6.36 -1.78 -10.94
C GLY B 106 7.11 -3.07 -10.68
N THR B 107 8.25 -2.97 -10.02
CA THR B 107 9.05 -4.12 -9.63
C THR B 107 9.39 -4.04 -8.15
N LYS B 108 8.91 -5.01 -7.39
CA LYS B 108 9.05 -5.00 -5.95
C LYS B 108 10.40 -5.57 -5.53
N LEU B 109 11.16 -4.81 -4.76
CA LEU B 109 12.42 -5.30 -4.24
C LEU B 109 12.18 -5.97 -2.90
N GLU B 110 12.75 -7.14 -2.70
CA GLU B 110 12.64 -7.83 -1.43
C GLU B 110 13.97 -8.47 -1.05
N LEU B 111 14.25 -8.48 0.25
CA LEU B 111 15.55 -8.93 0.74
C LEU B 111 15.59 -10.45 0.94
N LYS B 112 16.74 -11.03 0.60
CA LYS B 112 16.97 -12.45 0.89
C LYS B 112 17.58 -12.61 2.28
N ARG B 113 17.32 -13.75 2.90
CA ARG B 113 17.88 -14.08 4.20
C ARG B 113 17.76 -15.58 4.46
N THR B 114 18.34 -16.05 5.56
CA THR B 114 18.31 -17.47 5.89
C THR B 114 16.87 -17.93 6.10
N VAL B 115 16.59 -19.19 5.79
CA VAL B 115 15.26 -19.72 5.97
C VAL B 115 14.90 -19.69 7.45
N ALA B 116 13.64 -19.39 7.74
CA ALA B 116 13.17 -19.32 9.10
C ALA B 116 11.78 -19.93 9.21
N ALA B 117 11.65 -20.94 10.05
CA ALA B 117 10.37 -21.61 10.24
C ALA B 117 9.39 -20.68 10.96
N PRO B 118 8.11 -20.75 10.59
CA PRO B 118 7.08 -19.91 11.22
C PRO B 118 6.75 -20.36 12.64
N SER B 119 6.49 -19.39 13.51
CA SER B 119 5.93 -19.68 14.83
C SER B 119 4.41 -19.67 14.69
N VAL B 120 3.78 -20.81 14.92
CA VAL B 120 2.35 -20.96 14.62
C VAL B 120 1.46 -20.92 15.86
N PHE B 121 0.41 -20.12 15.79
CA PHE B 121 -0.57 -20.03 16.86
C PHE B 121 -1.99 -20.15 16.29
N ILE B 122 -2.91 -20.64 17.10
CA ILE B 122 -4.31 -20.74 16.69
C ILE B 122 -5.21 -20.09 17.75
N PHE B 123 -6.26 -19.44 17.28
CA PHE B 123 -7.18 -18.73 18.17
C PHE B 123 -8.62 -19.13 17.93
N PRO B 124 -9.31 -19.59 18.99
CA PRO B 124 -10.73 -19.91 18.89
C PRO B 124 -11.57 -18.64 18.78
N PRO B 125 -12.79 -18.75 18.20
CA PRO B 125 -13.70 -17.62 18.14
C PRO B 125 -14.11 -17.15 19.53
N SER B 126 -14.20 -15.84 19.74
CA SER B 126 -14.58 -15.29 21.04
C SER B 126 -16.08 -15.48 21.30
N ASP B 127 -16.44 -15.60 22.57
CA ASP B 127 -17.84 -15.76 22.96
C ASP B 127 -18.66 -14.54 22.53
N GLU B 128 -18.04 -13.37 22.52
CA GLU B 128 -18.70 -12.14 22.11
C GLU B 128 -19.16 -12.22 20.66
N GLN B 129 -18.35 -12.87 19.82
CA GLN B 129 -18.66 -13.01 18.40
C GLN B 129 -19.71 -14.08 18.15
N LEU B 130 -19.62 -15.17 18.90
CA LEU B 130 -20.54 -16.30 18.73
C LEU B 130 -21.99 -15.87 18.95
N LYS B 131 -22.20 -14.88 19.82
CA LYS B 131 -23.53 -14.36 20.10
C LYS B 131 -24.17 -13.76 18.85
N SER B 132 -23.36 -13.13 18.01
CA SER B 132 -23.85 -12.45 16.81
C SER B 132 -24.42 -13.44 15.81
N GLY B 133 -23.69 -14.52 15.55
CA GLY B 133 -24.17 -15.55 14.65
C GLY B 133 -23.11 -16.23 13.81
N THR B 134 -21.89 -15.68 13.84
CA THR B 134 -20.78 -16.27 13.07
C THR B 134 -19.56 -16.52 13.94
N ALA B 135 -18.68 -17.40 13.45
CA ALA B 135 -17.44 -17.73 14.14
C ALA B 135 -16.24 -17.49 13.25
N SER B 136 -15.21 -16.83 13.79
CA SER B 136 -13.97 -16.63 13.07
C SER B 136 -12.82 -17.33 13.79
N VAL B 137 -12.23 -18.32 13.13
CA VAL B 137 -11.06 -19.01 13.68
C VAL B 137 -9.80 -18.47 12.99
N VAL B 138 -8.85 -18.02 13.80
CA VAL B 138 -7.65 -17.36 13.25
C VAL B 138 -6.39 -18.17 13.51
N CYS B 139 -5.62 -18.38 12.46
CA CYS B 139 -4.31 -19.02 12.58
C CYS B 139 -3.21 -18.01 12.21
N LEU B 140 -2.17 -17.96 13.04
CA LEU B 140 -1.08 -17.02 12.82
C LEU B 140 0.23 -17.72 12.49
N LEU B 141 0.93 -17.20 11.50
CA LEU B 141 2.26 -17.67 11.12
C LEU B 141 3.24 -16.52 11.28
N ASN B 142 4.00 -16.52 12.38
CA ASN B 142 4.83 -15.35 12.69
C ASN B 142 6.30 -15.50 12.31
N ASN B 143 6.82 -14.46 11.66
CA ASN B 143 8.24 -14.29 11.40
C ASN B 143 8.90 -15.50 10.72
N PHE B 144 8.59 -15.67 9.42
CA PHE B 144 9.14 -16.78 8.66
C PHE B 144 9.69 -16.35 7.30
N TYR B 145 10.41 -17.25 6.65
CA TYR B 145 11.03 -17.01 5.35
C TYR B 145 11.46 -18.33 4.71
N PRO B 146 11.25 -18.48 3.39
CA PRO B 146 10.68 -17.51 2.45
C PRO B 146 9.18 -17.34 2.57
N ARG B 147 8.62 -16.55 1.65
CA ARG B 147 7.19 -16.22 1.63
C ARG B 147 6.29 -17.46 1.50
N GLU B 148 6.70 -18.38 0.63
CA GLU B 148 5.88 -19.55 0.31
C GLU B 148 5.51 -20.34 1.57
N ALA B 149 4.22 -20.33 1.89
CA ALA B 149 3.71 -21.07 3.04
C ALA B 149 2.38 -21.71 2.70
N LYS B 150 2.19 -22.94 3.19
CA LYS B 150 0.98 -23.71 2.90
C LYS B 150 0.15 -23.95 4.16
N VAL B 151 -1.04 -23.35 4.19
CA VAL B 151 -1.92 -23.45 5.36
C VAL B 151 -3.17 -24.28 5.06
N GLN B 152 -3.33 -25.41 5.75
CA GLN B 152 -4.49 -26.27 5.57
C GLN B 152 -5.36 -26.33 6.82
N TRP B 153 -6.60 -25.85 6.70
CA TRP B 153 -7.54 -25.87 7.82
C TRP B 153 -8.20 -27.23 7.96
N LYS B 154 -8.36 -27.67 9.20
CA LYS B 154 -9.00 -28.95 9.48
C LYS B 154 -10.10 -28.81 10.52
N VAL B 155 -11.29 -29.32 10.20
CA VAL B 155 -12.40 -29.33 11.13
C VAL B 155 -12.89 -30.76 11.29
N ASP B 156 -12.63 -31.34 12.46
CA ASP B 156 -12.83 -32.77 12.71
C ASP B 156 -12.08 -33.59 11.66
N ASN B 157 -10.79 -33.29 11.51
CA ASN B 157 -9.88 -34.02 10.61
C ASN B 157 -10.22 -33.91 9.13
N ALA B 158 -11.32 -33.23 8.80
CA ALA B 158 -11.71 -33.04 7.41
C ALA B 158 -11.13 -31.75 6.86
N LEU B 159 -10.46 -31.85 5.71
CA LEU B 159 -9.82 -30.69 5.09
C LEU B 159 -10.85 -29.68 4.60
N GLN B 160 -10.49 -28.40 4.65
CA GLN B 160 -11.41 -27.31 4.33
C GLN B 160 -10.98 -26.55 3.08
N SER B 161 -11.95 -26.00 2.36
CA SER B 161 -11.67 -25.22 1.16
C SER B 161 -12.78 -24.19 0.88
N GLY B 162 -12.38 -22.97 0.54
CA GLY B 162 -13.33 -21.95 0.13
C GLY B 162 -13.86 -21.10 1.27
N ASN B 163 -13.61 -21.51 2.51
CA ASN B 163 -14.13 -20.81 3.66
C ASN B 163 -13.06 -20.13 4.51
N SER B 164 -11.92 -19.80 3.89
CA SER B 164 -10.81 -19.17 4.60
C SER B 164 -10.10 -18.12 3.74
N GLN B 165 -9.51 -17.13 4.41
CA GLN B 165 -8.75 -16.09 3.71
C GLN B 165 -7.41 -15.80 4.40
N GLU B 166 -6.42 -15.43 3.60
CA GLU B 166 -5.09 -15.11 4.11
C GLU B 166 -4.74 -13.65 3.91
N SER B 167 -3.74 -13.20 4.65
CA SER B 167 -3.23 -11.84 4.56
C SER B 167 -1.78 -11.86 5.03
N VAL B 168 -0.90 -11.19 4.31
CA VAL B 168 0.53 -11.24 4.61
C VAL B 168 1.11 -9.86 4.85
N THR B 169 1.92 -9.73 5.90
CA THR B 169 2.62 -8.49 6.15
C THR B 169 3.74 -8.29 5.14
N GLU B 170 4.19 -7.04 4.98
CA GLU B 170 5.38 -6.75 4.20
C GLU B 170 6.59 -7.30 4.95
N GLN B 171 7.71 -7.44 4.24
CA GLN B 171 8.95 -7.85 4.89
C GLN B 171 9.27 -6.91 6.07
N ASP B 172 9.44 -7.51 7.25
CA ASP B 172 9.74 -6.74 8.44
C ASP B 172 11.08 -6.03 8.28
N SER B 173 11.12 -4.73 8.58
CA SER B 173 12.32 -3.94 8.37
C SER B 173 13.49 -4.37 9.25
N LYS B 174 13.20 -5.16 10.27
CA LYS B 174 14.22 -5.58 11.22
C LYS B 174 14.86 -6.93 10.84
N ASP B 175 14.03 -7.97 10.73
CA ASP B 175 14.54 -9.32 10.48
C ASP B 175 14.24 -9.84 9.07
N SER B 176 13.64 -9.00 8.24
CA SER B 176 13.32 -9.33 6.85
C SER B 176 12.43 -10.57 6.70
N THR B 177 11.66 -10.90 7.74
CA THR B 177 10.77 -12.05 7.68
C THR B 177 9.36 -11.63 7.29
N TYR B 178 8.49 -12.62 7.05
CA TYR B 178 7.08 -12.37 6.79
C TYR B 178 6.24 -12.84 7.95
N SER B 179 4.99 -12.38 7.98
CA SER B 179 3.99 -12.96 8.87
C SER B 179 2.67 -13.11 8.12
N LEU B 180 1.90 -14.13 8.49
CA LEU B 180 0.66 -14.42 7.79
C LEU B 180 -0.47 -14.75 8.75
N SER B 181 -1.65 -14.20 8.47
CA SER B 181 -2.86 -14.57 9.18
C SER B 181 -3.79 -15.32 8.24
N SER B 182 -4.37 -16.40 8.74
CA SER B 182 -5.34 -17.18 7.97
C SER B 182 -6.62 -17.31 8.78
N THR B 183 -7.69 -16.68 8.31
CA THR B 183 -8.94 -16.70 9.06
C THR B 183 -9.95 -17.67 8.45
N LEU B 184 -10.46 -18.56 9.29
CA LEU B 184 -11.51 -19.48 8.90
C LEU B 184 -12.85 -18.98 9.44
N THR B 185 -13.81 -18.76 8.53
CA THR B 185 -15.11 -18.25 8.95
C THR B 185 -16.21 -19.28 8.77
N LEU B 186 -16.79 -19.70 9.89
CA LEU B 186 -17.94 -20.60 9.88
C LEU B 186 -19.13 -19.92 10.55
N SER B 187 -20.34 -20.34 10.21
CA SER B 187 -21.51 -19.88 10.93
C SER B 187 -21.50 -20.49 12.32
N LYS B 188 -22.15 -19.83 13.27
CA LYS B 188 -22.20 -20.32 14.65
C LYS B 188 -22.75 -21.74 14.71
N ALA B 189 -23.73 -22.01 13.85
CA ALA B 189 -24.43 -23.29 13.84
C ALA B 189 -23.50 -24.46 13.47
N ASP B 190 -22.68 -24.28 12.44
CA ASP B 190 -21.78 -25.35 12.05
C ASP B 190 -20.55 -25.39 12.96
N TYR B 191 -20.12 -24.24 13.48
CA TYR B 191 -18.97 -24.20 14.38
C TYR B 191 -19.23 -25.05 15.62
N GLU B 192 -20.45 -24.99 16.12
CA GLU B 192 -20.82 -25.72 17.33
C GLU B 192 -21.19 -27.16 17.02
N LYS B 193 -21.12 -27.54 15.74
CA LYS B 193 -21.36 -28.92 15.34
C LYS B 193 -20.13 -29.79 15.57
N HIS B 194 -18.96 -29.26 15.20
CA HIS B 194 -17.73 -30.03 15.27
C HIS B 194 -16.88 -29.62 16.48
N LYS B 195 -15.92 -30.47 16.84
CA LYS B 195 -15.12 -30.28 18.05
C LYS B 195 -13.68 -29.88 17.74
N VAL B 196 -13.00 -30.69 16.94
CA VAL B 196 -11.58 -30.50 16.67
C VAL B 196 -11.33 -29.44 15.60
N TYR B 197 -10.49 -28.46 15.94
CA TYR B 197 -10.09 -27.43 14.98
C TYR B 197 -8.57 -27.37 14.91
N ALA B 198 -8.04 -27.57 13.72
CA ALA B 198 -6.59 -27.66 13.53
C ALA B 198 -6.11 -26.80 12.38
N CYS B 199 -4.95 -26.19 12.58
CA CYS B 199 -4.28 -25.43 11.54
C CYS B 199 -2.97 -26.10 11.17
N GLU B 200 -2.90 -26.67 9.96
CA GLU B 200 -1.69 -27.35 9.51
C GLU B 200 -0.82 -26.41 8.65
N VAL B 201 0.47 -26.40 8.93
CA VAL B 201 1.38 -25.48 8.25
C VAL B 201 2.57 -26.20 7.63
N THR B 202 2.73 -26.04 6.31
CA THR B 202 3.89 -26.59 5.61
C THR B 202 4.81 -25.46 5.16
N HIS B 203 6.07 -25.56 5.55
CA HIS B 203 7.05 -24.54 5.22
C HIS B 203 8.42 -25.15 5.06
N GLN B 204 9.24 -24.51 4.22
CA GLN B 204 10.58 -24.98 3.91
C GLN B 204 11.43 -25.20 5.16
N GLY B 205 11.20 -24.36 6.17
CA GLY B 205 11.97 -24.44 7.41
C GLY B 205 11.52 -25.54 8.35
N LEU B 206 10.45 -26.25 7.96
CA LEU B 206 9.93 -27.33 8.78
C LEU B 206 10.21 -28.70 8.14
N SER B 207 10.89 -29.57 8.88
CA SER B 207 11.22 -30.90 8.39
C SER B 207 9.96 -31.74 8.19
N SER B 208 8.91 -31.37 8.93
CA SER B 208 7.61 -32.01 8.82
C SER B 208 6.55 -30.98 9.18
N PRO B 209 5.40 -31.00 8.49
CA PRO B 209 4.34 -30.01 8.72
C PRO B 209 3.90 -29.94 10.19
N VAL B 210 3.69 -28.72 10.70
CA VAL B 210 3.27 -28.54 12.09
C VAL B 210 1.77 -28.24 12.18
N THR B 211 1.16 -28.68 13.27
CA THR B 211 -0.28 -28.50 13.46
C THR B 211 -0.59 -27.94 14.84
N LYS B 212 -1.23 -26.76 14.88
CA LYS B 212 -1.70 -26.17 16.13
C LYS B 212 -3.22 -26.34 16.22
N SER B 213 -3.67 -27.03 17.26
CA SER B 213 -5.08 -27.39 17.34
C SER B 213 -5.74 -26.93 18.64
N PHE B 214 -7.06 -27.06 18.69
CA PHE B 214 -7.81 -26.89 19.92
C PHE B 214 -9.14 -27.62 19.82
N ASN B 215 -9.65 -28.09 20.96
CA ASN B 215 -10.98 -28.64 21.04
C ASN B 215 -11.96 -27.56 21.48
N ARG B 216 -13.09 -27.47 20.79
CA ARG B 216 -14.08 -26.41 21.02
C ARG B 216 -14.53 -26.34 22.48
N GLY B 217 -14.67 -27.49 23.12
CA GLY B 217 -15.08 -27.55 24.51
C GLY B 217 -13.99 -27.07 25.46
N GLU B 218 -13.84 -25.75 25.55
CA GLU B 218 -12.83 -25.12 26.41
C GLU B 218 -11.43 -25.68 26.16
C ACE C 1 5.89 31.91 -3.13
O ACE C 1 5.08 31.87 -4.06
CH3 ACE C 1 5.89 33.06 -2.17
N LYS C 2 6.62 30.83 -2.81
CA LYS C 2 7.36 30.70 -1.56
C LYS C 2 8.62 29.83 -1.71
N ASP C 3 9.19 29.77 -2.90
CA ASP C 3 10.44 29.02 -3.12
C ASP C 3 11.54 29.49 -2.16
N GLU C 4 12.08 28.55 -1.37
CA GLU C 4 13.08 28.88 -0.37
C GLU C 4 14.45 29.19 -0.98
N ASP C 5 14.71 28.62 -2.16
CA ASP C 5 15.90 28.96 -2.95
C ASP C 5 15.63 28.64 -4.43
N GLY C 6 16.66 28.80 -5.26
CA GLY C 6 16.46 28.71 -6.71
C GLY C 6 16.95 27.45 -7.39
N ASP C 7 17.43 26.48 -6.61
CA ASP C 7 17.92 25.22 -7.18
C ASP C 7 16.82 24.45 -7.91
N TYR C 8 15.65 24.34 -7.31
CA TYR C 8 14.54 23.63 -7.92
C TYR C 8 14.12 24.33 -9.21
N GLU C 9 14.01 25.66 -9.15
CA GLU C 9 13.61 26.42 -10.32
C GLU C 9 14.59 26.25 -11.47
N GLU C 10 15.87 26.34 -11.16
CA GLU C 10 16.93 26.15 -12.16
C GLU C 10 16.82 24.80 -12.86
N LEU C 11 16.61 23.74 -12.08
CA LEU C 11 16.48 22.40 -12.65
C LEU C 11 15.26 22.32 -13.54
N VAL C 12 14.11 22.79 -13.04
CA VAL C 12 12.85 22.73 -13.78
C VAL C 12 12.94 23.44 -15.14
N LEU C 13 13.52 24.63 -15.13
CA LEU C 13 13.68 25.41 -16.35
C LEU C 13 14.61 24.72 -17.34
N ALA C 14 15.64 24.06 -16.82
CA ALA C 14 16.58 23.34 -17.67
C ALA C 14 15.95 22.09 -18.29
N LEU C 15 14.99 21.50 -17.59
CA LEU C 15 14.35 20.27 -18.07
C LEU C 15 13.11 20.52 -18.91
N ARG C 16 12.57 21.73 -18.85
CA ARG C 16 11.29 22.03 -19.48
C ARG C 16 11.37 22.08 -21.01
N SER C 17 10.39 21.46 -21.67
CA SER C 17 10.27 21.57 -23.12
C SER C 17 8.80 21.55 -23.55
N GLU C 18 8.40 22.53 -24.35
CA GLU C 18 7.08 22.56 -24.98
C GLU C 18 7.24 22.28 -26.48
N GLU C 19 8.33 22.79 -27.04
CA GLU C 19 8.59 22.68 -28.48
C GLU C 19 9.19 21.31 -28.81
N ASP C 20 8.43 20.50 -29.54
CA ASP C 20 8.81 19.12 -29.86
C ASP C 20 10.13 19.03 -30.62
ZN ZN D . 3.44 27.12 -23.21
CL CL E . 8.03 18.51 -8.56
S SO4 F . 4.63 28.72 -24.57
O1 SO4 F . 4.78 29.59 -25.72
O2 SO4 F . 5.86 28.75 -23.78
O3 SO4 F . 3.49 29.07 -23.71
O4 SO4 F . 4.37 27.39 -25.12
ZN ZN G . 6.59 -11.80 14.42
ZN ZN H . 21.46 4.76 3.74
ZN ZN I . -19.87 -28.57 9.70
S SO4 J . -17.36 -28.33 7.39
O1 SO4 J . -17.49 -27.39 6.27
O2 SO4 J . -16.30 -27.87 8.28
O3 SO4 J . -18.61 -28.39 8.14
O4 SO4 J . -17.02 -29.63 6.85
#